data_5Y6M
#
_entry.id   5Y6M
#
_cell.length_a   53.638
_cell.length_b   69.152
_cell.length_c   57.819
_cell.angle_alpha   90.00
_cell.angle_beta   94.14
_cell.angle_gamma   90.00
#
_symmetry.space_group_name_H-M   'P 1 21 1'
#
loop_
_entity.id
_entity.type
_entity.pdbx_description
1 polymer 'Helicase domain from Genome polyprotein'
2 non-polymer 'MANGANESE (II) ION'
3 non-polymer "ADENOSINE-5'-DIPHOSPHATE"
4 non-polymer 'ALUMINUM FLUORIDE'
5 water water
#
_entity_poly.entity_id   1
_entity_poly.type   'polypeptide(L)'
_entity_poly.pdbx_seq_one_letter_code
;EPSMLKKKQLTVLDLHPGAGKTRRVLPEIVREAIKTRLRTVILAPTRVVAAEMEEALRGLPVRYMTTAVNVTHSGTEIVD
LMCHATFTSRLLQPIRVPNYNLYIMDEAHFTDPSSIAARGYISTRVEMGEAAAIFMTATPPGTRDAFPDSNSPIMDTEVE
VPERAWSSGFDWVTDHSGKTVWFVPSVRNGNEIAACLTKAGKRVIQLSRKTFETEFQKTKHQEWDFVVTTDISEMGANFK
ADRVIDSRRCLKPVILDGERVILAGPMPVTHASAAQRRGRIGRNPNKPGDEYLYGGGCAETDEDHAHWLEARMLLDNIYL
QDGLIASLYRPEADKVAAIEGEFKLRTEQRKTFVELMKRGDLPVWLAYQVASAGITYTDRRWCFDGTTNNTIMEDSVPAE
VWTRHGEKRVLKPRWMDARVCSDHAALKSFKEFAAGKR
;
_entity_poly.pdbx_strand_id   A
#
loop_
_chem_comp.id
_chem_comp.type
_chem_comp.name
_chem_comp.formula
ADP non-polymer ADENOSINE-5'-DIPHOSPHATE 'C10 H15 N5 O10 P2'
AF3 non-polymer 'ALUMINUM FLUORIDE' 'Al F3'
MN non-polymer 'MANGANESE (II) ION' 'Mn 2'
#
# COMPACT_ATOMS: atom_id res chain seq x y z
N MET A 4 -27.69 1.83 13.54
CA MET A 4 -27.37 0.49 13.06
C MET A 4 -25.86 0.19 13.08
N LEU A 5 -25.39 -0.39 14.19
CA LEU A 5 -23.99 -0.75 14.31
C LEU A 5 -23.73 -2.14 14.89
N LYS A 6 -24.66 -2.76 15.63
CA LYS A 6 -24.37 -4.04 16.29
C LYS A 6 -25.20 -5.14 15.63
N LYS A 7 -24.61 -5.80 14.63
CA LYS A 7 -25.16 -7.02 14.04
C LYS A 7 -24.05 -7.83 13.40
N LYS A 8 -24.47 -8.87 12.71
CA LYS A 8 -23.62 -9.83 12.03
C LYS A 8 -23.29 -9.39 10.62
N GLN A 9 -23.16 -8.10 10.35
CA GLN A 9 -23.08 -7.71 8.94
C GLN A 9 -21.83 -6.89 8.61
N LEU A 10 -21.42 -7.04 7.36
CA LEU A 10 -20.38 -6.24 6.74
C LEU A 10 -21.04 -5.23 5.80
N THR A 11 -20.86 -3.95 6.09
CA THR A 11 -21.41 -2.86 5.29
C THR A 11 -20.28 -2.30 4.44
N VAL A 12 -20.55 -2.06 3.17
CA VAL A 12 -19.62 -1.40 2.27
C VAL A 12 -20.11 0.03 2.08
N LEU A 13 -19.40 1.01 2.67
CA LEU A 13 -19.75 2.42 2.51
C LEU A 13 -18.97 2.96 1.30
N ASP A 14 -19.67 3.19 0.21
CA ASP A 14 -18.99 3.45 -1.06
C ASP A 14 -19.39 4.76 -1.70
N LEU A 15 -19.54 5.82 -0.90
CA LEU A 15 -19.69 7.15 -1.46
C LEU A 15 -18.52 7.48 -2.38
N HIS A 16 -18.80 8.34 -3.37
CA HIS A 16 -17.81 8.72 -4.36
C HIS A 16 -16.64 9.46 -3.71
N PRO A 17 -15.53 9.58 -4.42
CA PRO A 17 -14.39 10.29 -3.82
C PRO A 17 -14.77 11.73 -3.42
N GLY A 18 -14.37 12.10 -2.20
CA GLY A 18 -14.57 13.43 -1.67
C GLY A 18 -15.92 13.68 -1.05
N ALA A 19 -16.80 12.67 -1.01
CA ALA A 19 -18.14 12.88 -0.45
C ALA A 19 -18.12 13.01 1.07
N GLY A 20 -17.00 12.69 1.74
CA GLY A 20 -16.90 12.90 3.17
C GLY A 20 -16.97 11.64 4.02
N LYS A 21 -16.38 10.55 3.53
CA LYS A 21 -16.32 9.30 4.30
C LYS A 21 -15.42 9.48 5.52
N THR A 22 -14.24 10.03 5.31
CA THR A 22 -13.29 10.18 6.40
C THR A 22 -13.67 11.33 7.33
N ARG A 23 -14.17 12.43 6.80
CA ARG A 23 -14.35 13.61 7.61
C ARG A 23 -15.75 13.77 8.20
N ARG A 24 -16.77 13.29 7.49
CA ARG A 24 -18.13 13.44 8.02
C ARG A 24 -18.70 12.13 8.54
N VAL A 25 -18.58 11.04 7.79
CA VAL A 25 -19.27 9.82 8.19
C VAL A 25 -18.54 9.16 9.35
N LEU A 26 -17.22 9.02 9.23
CA LEU A 26 -16.44 8.33 10.25
C LEU A 26 -16.74 8.83 11.67
N PRO A 27 -16.69 10.15 11.95
CA PRO A 27 -16.97 10.60 13.32
C PRO A 27 -18.37 10.28 13.79
N GLU A 28 -19.34 10.27 12.88
CA GLU A 28 -20.70 9.86 13.22
C GLU A 28 -20.72 8.44 13.76
N ILE A 29 -20.03 7.53 13.08
CA ILE A 29 -19.98 6.14 13.53
C ILE A 29 -19.25 6.04 14.87
N VAL A 30 -18.11 6.72 14.99
CA VAL A 30 -17.35 6.60 16.22
C VAL A 30 -18.19 7.07 17.41
N ARG A 31 -18.98 8.14 17.21
CA ARG A 31 -19.82 8.66 18.29
C ARG A 31 -20.86 7.63 18.74
N GLU A 32 -21.48 6.94 17.78
CA GLU A 32 -22.43 5.92 18.13
C GLU A 32 -21.73 4.73 18.80
N ALA A 33 -20.57 4.32 18.28
CA ALA A 33 -19.89 3.17 18.88
C ALA A 33 -19.49 3.47 20.32
N ILE A 34 -19.02 4.70 20.58
CA ILE A 34 -18.69 5.11 21.92
C ILE A 34 -19.93 5.07 22.79
N LYS A 35 -21.06 5.57 22.25
CA LYS A 35 -22.28 5.70 23.07
C LYS A 35 -22.80 4.33 23.47
N THR A 36 -22.76 3.36 22.54
CA THR A 36 -23.30 2.03 22.79
C THR A 36 -22.27 1.07 23.37
N ARG A 37 -21.04 1.54 23.66
CA ARG A 37 -20.00 0.75 24.34
C ARG A 37 -19.58 -0.45 23.49
N LEU A 38 -19.28 -0.16 22.23
CA LEU A 38 -18.88 -1.17 21.28
C LEU A 38 -17.37 -1.16 21.15
N ARG A 39 -16.73 -2.28 21.48
CA ARG A 39 -15.30 -2.35 21.27
C ARG A 39 -14.99 -2.22 19.77
N THR A 40 -14.30 -1.13 19.40
CA THR A 40 -14.15 -0.70 18.01
C THR A 40 -12.68 -0.47 17.69
N VAL A 41 -12.26 -0.89 16.49
CA VAL A 41 -10.97 -0.51 15.94
C VAL A 41 -11.19 0.22 14.61
N ILE A 42 -10.49 1.35 14.44
CA ILE A 42 -10.42 2.11 13.19
C ILE A 42 -9.09 1.77 12.54
N LEU A 43 -9.12 1.44 11.23
CA LEU A 43 -7.90 1.05 10.51
C LEU A 43 -7.64 2.04 9.37
N ALA A 44 -6.55 2.79 9.48
CA ALA A 44 -6.00 3.76 8.54
C ALA A 44 -4.96 3.10 7.64
N PRO A 45 -4.94 3.39 6.34
CA PRO A 45 -3.89 2.79 5.50
C PRO A 45 -2.50 3.31 5.80
N THR A 46 -2.36 4.55 6.26
CA THR A 46 -1.04 5.14 6.51
C THR A 46 -1.09 6.03 7.75
N ARG A 47 0.11 6.38 8.27
CA ARG A 47 0.20 7.31 9.40
C ARG A 47 -0.32 8.69 9.03
N VAL A 48 -0.14 9.07 7.77
CA VAL A 48 -0.71 10.32 7.26
C VAL A 48 -2.23 10.30 7.40
N VAL A 49 -2.89 9.26 6.90
CA VAL A 49 -4.34 9.18 7.11
C VAL A 49 -4.68 9.15 8.61
N ALA A 50 -3.88 8.42 9.41
CA ALA A 50 -4.14 8.35 10.85
C ALA A 50 -4.16 9.73 11.48
N ALA A 51 -3.22 10.60 11.09
CA ALA A 51 -3.25 11.97 11.60
C ALA A 51 -4.47 12.73 11.08
N GLU A 52 -4.87 12.53 9.83
CA GLU A 52 -6.09 13.18 9.36
C GLU A 52 -7.32 12.69 10.12
N MET A 53 -7.37 11.41 10.49
CA MET A 53 -8.46 10.92 11.31
C MET A 53 -8.48 11.58 12.69
N GLU A 54 -7.30 11.91 13.24
CA GLU A 54 -7.23 12.50 14.57
C GLU A 54 -7.84 13.89 14.59
N GLU A 55 -7.57 14.69 13.55
CA GLU A 55 -8.21 15.99 13.44
C GLU A 55 -9.73 15.84 13.37
N ALA A 56 -10.21 14.86 12.61
CA ALA A 56 -11.64 14.67 12.44
C ALA A 56 -12.31 14.12 13.70
N LEU A 57 -11.54 13.39 14.49
CA LEU A 57 -12.02 12.71 15.68
C LEU A 57 -11.68 13.45 16.97
N ARG A 58 -11.11 14.65 16.89
CA ARG A 58 -10.73 15.31 18.12
C ARG A 58 -11.98 15.65 18.91
N GLY A 59 -11.90 15.50 20.23
CA GLY A 59 -13.05 15.55 21.09
C GLY A 59 -13.55 14.19 21.51
N LEU A 60 -13.36 13.14 20.66
CA LEU A 60 -13.83 11.80 20.94
C LEU A 60 -12.75 10.99 21.65
N PRO A 61 -13.15 10.10 22.57
CA PRO A 61 -12.17 9.22 23.24
C PRO A 61 -11.68 8.12 22.31
N VAL A 62 -10.53 8.35 21.68
CA VAL A 62 -9.91 7.39 20.77
C VAL A 62 -8.52 7.11 21.28
N ARG A 63 -8.15 5.83 21.31
CA ARG A 63 -6.81 5.41 21.69
C ARG A 63 -5.97 5.19 20.42
N TYR A 64 -5.04 6.10 20.17
CA TYR A 64 -4.24 6.09 18.95
C TYR A 64 -3.02 5.20 19.15
N MET A 65 -2.96 4.11 18.41
CA MET A 65 -1.85 3.16 18.54
C MET A 65 -0.89 3.31 17.38
N THR A 66 -0.57 4.59 17.19
CA THR A 66 0.17 5.13 16.05
C THR A 66 1.21 6.10 16.60
N THR A 67 2.37 6.13 15.96
CA THR A 67 3.39 7.11 16.31
C THR A 67 2.82 8.48 15.95
N ASN A 70 -0.36 12.58 19.24
CA ASN A 70 -0.22 12.84 20.67
C ASN A 70 -1.03 11.85 21.52
N VAL A 71 -0.34 11.02 22.29
CA VAL A 71 -0.98 10.03 23.15
C VAL A 71 -0.98 10.56 24.58
N THR A 72 -2.17 10.79 25.13
CA THR A 72 -2.37 11.11 26.54
C THR A 72 -3.23 10.03 27.19
N HIS A 73 -2.89 9.68 28.42
CA HIS A 73 -3.60 8.61 29.14
C HIS A 73 -5.09 8.88 29.15
N SER A 74 -5.87 7.80 29.08
CA SER A 74 -7.31 7.89 29.16
C SER A 74 -7.84 6.68 29.91
N GLY A 75 -8.87 6.91 30.74
CA GLY A 75 -9.61 5.84 31.39
C GLY A 75 -10.69 5.23 30.52
N THR A 76 -10.95 5.83 29.36
CA THR A 76 -11.89 5.31 28.37
C THR A 76 -11.10 4.40 27.41
N GLU A 77 -11.41 3.10 27.47
CA GLU A 77 -10.86 2.10 26.54
C GLU A 77 -12.04 1.54 25.74
N ILE A 78 -12.27 2.10 24.56
CA ILE A 78 -13.33 1.57 23.71
C ILE A 78 -12.96 1.57 22.22
N VAL A 79 -12.43 2.68 21.70
CA VAL A 79 -12.11 2.83 20.28
C VAL A 79 -10.59 2.92 20.15
N ASP A 80 -10.01 1.99 19.40
CA ASP A 80 -8.61 2.00 18.98
C ASP A 80 -8.48 2.42 17.52
N LEU A 81 -7.35 3.03 17.19
CA LEU A 81 -7.03 3.41 15.83
C LEU A 81 -5.57 3.02 15.56
N MET A 82 -5.34 2.29 14.47
CA MET A 82 -4.01 1.84 14.06
C MET A 82 -4.01 1.69 12.55
N CYS A 83 -2.81 1.53 11.98
CA CYS A 83 -2.64 1.28 10.56
C CYS A 83 -3.09 -0.13 10.23
N HIS A 84 -3.54 -0.35 8.98
CA HIS A 84 -3.81 -1.69 8.47
C HIS A 84 -2.65 -2.62 8.78
N ALA A 85 -1.43 -2.15 8.48
CA ALA A 85 -0.25 -3.03 8.57
C ALA A 85 0.06 -3.38 10.02
N THR A 86 -0.11 -2.42 10.94
CA THR A 86 0.04 -2.70 12.36
C THR A 86 -0.97 -3.74 12.81
N PHE A 87 -2.21 -3.59 12.37
CA PHE A 87 -3.24 -4.53 12.74
C PHE A 87 -2.85 -5.96 12.37
N THR A 88 -2.48 -6.15 11.12
CA THR A 88 -2.12 -7.48 10.65
C THR A 88 -0.85 -7.98 11.33
N SER A 89 0.11 -7.11 11.55
CA SER A 89 1.34 -7.49 12.20
C SER A 89 1.11 -7.97 13.63
N ARG A 90 0.28 -7.28 14.39
CA ARG A 90 0.05 -7.78 15.73
C ARG A 90 -0.68 -9.09 15.71
N LEU A 91 -1.48 -9.33 14.66
CA LEU A 91 -2.20 -10.59 14.57
C LEU A 91 -1.27 -11.74 14.26
N LEU A 92 -0.16 -11.50 13.55
CA LEU A 92 0.86 -12.52 13.35
C LEU A 92 1.75 -12.71 14.59
N GLN A 93 1.75 -11.79 15.52
CA GLN A 93 2.67 -11.86 16.65
C GLN A 93 1.98 -12.46 17.88
N PRO A 94 2.72 -12.91 18.90
CA PRO A 94 2.03 -13.41 20.10
C PRO A 94 1.22 -12.33 20.83
N ILE A 95 1.53 -11.05 20.62
CA ILE A 95 0.78 -9.91 21.15
C ILE A 95 -0.72 -10.14 20.98
N ARG A 96 -1.48 -9.82 22.02
CA ARG A 96 -2.90 -10.12 22.07
C ARG A 96 -3.65 -8.94 21.44
N VAL A 97 -4.44 -9.24 20.41
CA VAL A 97 -5.27 -8.25 19.73
C VAL A 97 -6.68 -8.40 20.29
N PRO A 98 -7.31 -7.32 20.78
CA PRO A 98 -8.67 -7.45 21.30
C PRO A 98 -9.60 -8.04 20.24
N ASN A 99 -10.61 -8.77 20.72
CA ASN A 99 -11.68 -9.28 19.84
C ASN A 99 -12.71 -8.18 19.69
N TYR A 100 -12.47 -7.29 18.73
CA TYR A 100 -13.37 -6.18 18.49
C TYR A 100 -14.72 -6.67 17.99
N ASN A 101 -15.78 -6.03 18.50
CA ASN A 101 -17.13 -6.16 17.95
C ASN A 101 -17.35 -5.38 16.66
N LEU A 102 -16.54 -4.35 16.40
CA LEU A 102 -16.73 -3.50 15.21
C LEU A 102 -15.37 -3.20 14.60
N TYR A 103 -15.21 -3.52 13.32
CA TYR A 103 -14.05 -3.13 12.52
C TYR A 103 -14.44 -2.05 11.52
N ILE A 104 -13.73 -0.92 11.53
CA ILE A 104 -13.94 0.13 10.54
C ILE A 104 -12.67 0.25 9.72
N MET A 105 -12.70 -0.20 8.44
CA MET A 105 -11.55 -0.10 7.56
C MET A 105 -11.75 1.07 6.60
N ASP A 106 -10.96 2.12 6.77
CA ASP A 106 -10.91 3.19 5.79
C ASP A 106 -9.94 2.85 4.66
N GLU A 107 -10.23 3.39 3.47
CA GLU A 107 -9.56 3.00 2.22
C GLU A 107 -9.49 1.49 2.10
N ALA A 108 -10.66 0.83 2.18
CA ALA A 108 -10.64 -0.62 2.19
C ALA A 108 -10.39 -1.24 0.81
N HIS A 109 -9.96 -0.45 -0.17
CA HIS A 109 -9.47 -0.99 -1.43
C HIS A 109 -7.96 -1.16 -1.46
N PHE A 110 -7.23 -0.65 -0.46
CA PHE A 110 -5.78 -0.75 -0.42
C PHE A 110 -5.35 -2.19 -0.70
N THR A 111 -4.41 -2.35 -1.63
CA THR A 111 -4.04 -3.70 -2.03
C THR A 111 -2.67 -4.14 -1.51
N ASP A 112 -2.08 -3.44 -0.56
CA ASP A 112 -0.93 -3.98 0.15
C ASP A 112 -1.29 -5.33 0.77
N PRO A 113 -0.41 -6.36 0.68
CA PRO A 113 -0.76 -7.68 1.26
C PRO A 113 -1.36 -7.63 2.69
N SER A 114 -0.86 -6.72 3.54
CA SER A 114 -1.38 -6.56 4.90
C SER A 114 -2.83 -6.11 4.91
N SER A 115 -3.19 -5.17 4.05
CA SER A 115 -4.59 -4.75 3.98
C SER A 115 -5.48 -5.87 3.46
N ILE A 116 -5.02 -6.58 2.42
CA ILE A 116 -5.80 -7.72 1.92
C ILE A 116 -6.00 -8.76 3.01
N ALA A 117 -4.93 -9.05 3.78
CA ALA A 117 -5.06 -10.08 4.81
C ALA A 117 -6.03 -9.60 5.90
N ALA A 118 -5.94 -8.34 6.27
CA ALA A 118 -6.84 -7.75 7.27
C ALA A 118 -8.29 -7.92 6.86
N ARG A 119 -8.62 -7.63 5.59
CA ARG A 119 -10.01 -7.79 5.16
C ARG A 119 -10.44 -9.24 5.19
N GLY A 120 -9.53 -10.16 4.91
CA GLY A 120 -9.88 -11.56 5.03
C GLY A 120 -10.16 -11.95 6.48
N TYR A 121 -9.28 -11.53 7.41
CA TYR A 121 -9.53 -11.81 8.83
C TYR A 121 -10.87 -11.21 9.29
N ILE A 122 -11.16 -9.98 8.88
CA ILE A 122 -12.34 -9.29 9.40
C ILE A 122 -13.61 -9.91 8.83
N SER A 123 -13.64 -10.16 7.52
CA SER A 123 -14.83 -10.74 6.90
C SER A 123 -15.08 -12.15 7.45
N THR A 124 -14.04 -12.88 7.83
CA THR A 124 -14.25 -14.18 8.48
C THR A 124 -14.88 -14.01 9.86
N ARG A 125 -14.44 -13.01 10.64
CA ARG A 125 -15.07 -12.79 11.96
C ARG A 125 -16.54 -12.38 11.83
N VAL A 126 -16.86 -11.50 10.89
CA VAL A 126 -18.27 -11.18 10.66
C VAL A 126 -19.02 -12.44 10.20
N GLU A 127 -18.44 -13.18 9.25
CA GLU A 127 -19.13 -14.36 8.72
C GLU A 127 -19.45 -15.36 9.83
N MET A 128 -18.65 -15.40 10.89
CA MET A 128 -18.91 -16.32 11.97
C MET A 128 -19.78 -15.75 13.09
N GLY A 129 -20.34 -14.54 12.90
CA GLY A 129 -21.24 -13.96 13.87
C GLY A 129 -20.61 -13.23 15.05
N GLU A 130 -19.31 -13.03 15.04
CA GLU A 130 -18.65 -12.45 16.20
C GLU A 130 -18.47 -10.93 16.11
N ALA A 131 -18.70 -10.30 14.96
CA ALA A 131 -18.38 -8.89 14.81
C ALA A 131 -19.20 -8.28 13.67
N ALA A 132 -19.20 -6.96 13.64
CA ALA A 132 -19.66 -6.16 12.50
C ALA A 132 -18.48 -5.46 11.84
N ALA A 133 -18.69 -5.02 10.61
CA ALA A 133 -17.59 -4.38 9.90
C ALA A 133 -18.14 -3.36 8.91
N ILE A 134 -17.39 -2.27 8.75
CA ILE A 134 -17.68 -1.25 7.75
C ILE A 134 -16.43 -1.04 6.90
N PHE A 135 -16.53 -1.32 5.60
CA PHE A 135 -15.43 -1.08 4.66
C PHE A 135 -15.72 0.25 3.96
N MET A 136 -14.88 1.26 4.18
CA MET A 136 -15.07 2.56 3.57
C MET A 136 -14.18 2.62 2.33
N THR A 137 -14.80 2.73 1.17
CA THR A 137 -14.00 2.98 -0.03
C THR A 137 -14.93 3.37 -1.16
N ALA A 138 -14.52 4.37 -1.93
CA ALA A 138 -15.26 4.72 -3.14
C ALA A 138 -15.22 3.62 -4.19
N THR A 139 -14.27 2.70 -4.11
CA THR A 139 -13.99 1.78 -5.22
C THR A 139 -13.88 0.37 -4.66
N PRO A 140 -15.01 -0.26 -4.35
CA PRO A 140 -14.95 -1.62 -3.82
C PRO A 140 -14.45 -2.61 -4.89
N PRO A 141 -13.85 -3.71 -4.44
CA PRO A 141 -13.25 -4.69 -5.38
C PRO A 141 -14.15 -5.06 -6.55
N GLY A 142 -13.57 -5.00 -7.74
CA GLY A 142 -14.32 -5.32 -8.93
C GLY A 142 -15.12 -4.20 -9.56
N THR A 143 -15.01 -2.96 -9.07
CA THR A 143 -15.73 -1.90 -9.74
C THR A 143 -15.13 -1.72 -11.13
N ARG A 144 -16.00 -1.45 -12.10
CA ARG A 144 -15.57 -1.18 -13.45
C ARG A 144 -15.84 0.26 -13.85
N ASP A 145 -15.97 1.14 -12.88
CA ASP A 145 -16.22 2.55 -13.15
C ASP A 145 -14.95 3.35 -12.82
N ALA A 146 -14.18 3.70 -13.85
CA ALA A 146 -13.02 4.54 -13.68
C ALA A 146 -13.35 6.03 -13.55
N PHE A 147 -14.61 6.43 -13.74
CA PHE A 147 -14.97 7.84 -13.78
C PHE A 147 -16.18 8.12 -12.88
N PRO A 148 -16.07 7.86 -11.58
CA PRO A 148 -17.23 8.07 -10.68
C PRO A 148 -17.52 9.55 -10.53
N ASP A 149 -18.63 9.85 -9.84
CA ASP A 149 -18.98 11.24 -9.55
C ASP A 149 -17.90 11.91 -8.69
N SER A 150 -17.88 13.23 -8.75
CA SER A 150 -16.96 14.05 -7.99
C SER A 150 -17.70 15.24 -7.40
N ASN A 151 -17.06 15.94 -6.45
CA ASN A 151 -17.67 17.14 -5.86
C ASN A 151 -17.78 18.28 -6.87
N SER A 152 -16.91 18.31 -7.87
CA SER A 152 -16.81 19.39 -8.83
C SER A 152 -16.60 18.74 -10.18
N PRO A 153 -17.11 19.32 -11.28
CA PRO A 153 -16.93 18.72 -12.61
C PRO A 153 -15.45 18.55 -12.99
N ILE A 154 -15.16 17.45 -13.67
CA ILE A 154 -13.80 17.11 -14.06
C ILE A 154 -13.78 17.00 -15.58
N MET A 155 -12.73 17.55 -16.20
CA MET A 155 -12.50 17.39 -17.63
C MET A 155 -11.57 16.20 -17.90
N ASP A 156 -12.10 15.12 -18.47
CA ASP A 156 -11.33 13.90 -18.75
C ASP A 156 -10.83 13.85 -20.20
N THR A 157 -9.53 13.64 -20.37
CA THR A 157 -8.95 13.58 -21.70
C THR A 157 -7.97 12.41 -21.81
N GLU A 158 -8.18 11.52 -22.79
CA GLU A 158 -7.18 10.51 -23.12
C GLU A 158 -6.09 11.11 -24.02
N VAL A 159 -4.83 10.97 -23.60
CA VAL A 159 -3.69 11.55 -24.30
C VAL A 159 -2.56 10.53 -24.32
N GLU A 160 -1.51 10.83 -25.07
CA GLU A 160 -0.27 10.09 -24.95
C GLU A 160 0.53 10.69 -23.79
N VAL A 161 0.79 9.88 -22.77
CA VAL A 161 1.48 10.33 -21.58
C VAL A 161 2.93 9.81 -21.67
N PRO A 162 3.92 10.69 -21.56
CA PRO A 162 5.32 10.22 -21.65
C PRO A 162 5.73 9.46 -20.42
N GLU A 163 6.67 8.51 -20.62
CA GLU A 163 7.18 7.69 -19.55
C GLU A 163 8.71 7.68 -19.53
N ARG A 164 9.31 8.61 -20.25
CA ARG A 164 10.74 8.84 -20.38
C ARG A 164 10.92 10.33 -20.53
N ALA A 165 12.18 10.79 -20.39
CA ALA A 165 12.50 12.18 -20.71
C ALA A 165 12.11 12.48 -22.13
N TRP A 166 11.80 13.74 -22.40
CA TRP A 166 11.42 14.11 -23.75
C TRP A 166 12.04 15.47 -24.09
N SER A 167 12.40 15.62 -25.38
CA SER A 167 12.80 16.92 -25.92
C SER A 167 11.63 17.66 -26.51
N SER A 168 10.78 16.96 -27.28
CA SER A 168 9.69 17.55 -28.02
C SER A 168 8.45 16.68 -27.86
N GLY A 169 7.30 17.25 -28.22
CA GLY A 169 6.07 16.49 -28.43
C GLY A 169 5.05 16.58 -27.30
N PHE A 170 5.40 17.13 -26.15
CA PHE A 170 4.49 17.11 -25.01
C PHE A 170 4.39 18.49 -24.37
N ASP A 171 4.13 19.50 -25.20
CA ASP A 171 4.17 20.87 -24.68
C ASP A 171 3.07 21.14 -23.66
N TRP A 172 1.92 20.49 -23.81
CA TRP A 172 0.82 20.65 -22.86
C TRP A 172 1.24 20.31 -21.44
N VAL A 173 2.28 19.50 -21.25
CA VAL A 173 2.70 19.13 -19.90
C VAL A 173 3.23 20.36 -19.17
N THR A 174 4.20 21.05 -19.77
CA THR A 174 4.84 22.19 -19.14
C THR A 174 4.11 23.50 -19.37
N ASP A 175 3.29 23.60 -20.43
CA ASP A 175 2.47 24.79 -20.66
C ASP A 175 1.27 24.86 -19.74
N HIS A 176 1.42 24.50 -18.49
CA HIS A 176 0.32 24.51 -17.55
C HIS A 176 0.82 25.20 -16.30
N SER A 177 0.04 26.15 -15.79
CA SER A 177 0.52 26.93 -14.66
C SER A 177 0.08 26.38 -13.30
N GLY A 178 -1.01 25.62 -13.23
CA GLY A 178 -1.45 25.09 -11.96
C GLY A 178 -0.50 24.02 -11.46
N LYS A 179 -0.96 23.29 -10.45
CA LYS A 179 -0.21 22.20 -9.85
C LYS A 179 -0.70 20.85 -10.37
N THR A 180 0.23 19.91 -10.59
CA THR A 180 -0.05 18.62 -11.23
C THR A 180 0.42 17.47 -10.35
N VAL A 181 -0.44 16.45 -10.19
CA VAL A 181 -0.01 15.17 -9.65
C VAL A 181 0.13 14.19 -10.80
N TRP A 182 1.29 13.55 -10.90
CA TRP A 182 1.60 12.67 -12.03
C TRP A 182 1.93 11.27 -11.52
N PHE A 183 1.10 10.29 -11.87
CA PHE A 183 1.25 8.90 -11.48
C PHE A 183 2.09 8.18 -12.54
N VAL A 184 3.29 7.76 -12.16
CA VAL A 184 4.27 7.16 -13.08
C VAL A 184 4.30 5.64 -12.86
N PRO A 185 4.76 4.85 -13.83
CA PRO A 185 4.73 3.38 -13.65
C PRO A 185 5.80 2.85 -12.70
N SER A 186 6.88 3.58 -12.43
CA SER A 186 7.88 3.06 -11.49
C SER A 186 8.68 4.20 -10.90
N VAL A 187 9.42 3.87 -9.84
CA VAL A 187 10.28 4.88 -9.24
C VAL A 187 11.37 5.33 -10.22
N ARG A 188 11.97 4.40 -10.97
CA ARG A 188 12.98 4.79 -11.94
C ARG A 188 12.42 5.72 -13.00
N ASN A 189 11.24 5.40 -13.55
CA ASN A 189 10.65 6.27 -14.58
C ASN A 189 10.34 7.64 -13.99
N GLY A 190 9.89 7.67 -12.73
CA GLY A 190 9.66 8.95 -12.06
C GLY A 190 10.90 9.81 -11.94
N ASN A 191 12.06 9.19 -11.68
CA ASN A 191 13.33 9.92 -11.59
C ASN A 191 13.66 10.59 -12.90
N GLU A 192 13.57 9.83 -13.99
CA GLU A 192 13.92 10.36 -15.29
C GLU A 192 12.99 11.50 -15.70
N ILE A 193 11.69 11.37 -15.37
CA ILE A 193 10.69 12.39 -15.66
C ILE A 193 10.88 13.61 -14.76
N ALA A 194 11.16 13.38 -13.49
CA ALA A 194 11.41 14.51 -12.60
C ALA A 194 12.63 15.33 -13.04
N ALA A 195 13.63 14.68 -13.65
CA ALA A 195 14.79 15.42 -14.11
C ALA A 195 14.47 16.19 -15.38
N CYS A 196 13.59 15.65 -16.22
CA CYS A 196 13.20 16.43 -17.40
C CYS A 196 12.43 17.68 -16.97
N LEU A 197 11.49 17.51 -16.03
CA LEU A 197 10.68 18.64 -15.56
C LEU A 197 11.52 19.69 -14.85
N THR A 198 12.53 19.27 -14.09
CA THR A 198 13.43 20.24 -13.47
C THR A 198 14.21 21.03 -14.53
N LYS A 199 14.74 20.34 -15.54
CA LYS A 199 15.44 20.96 -16.65
C LYS A 199 14.62 22.06 -17.30
N ALA A 200 13.30 21.89 -17.29
CA ALA A 200 12.40 22.82 -17.93
C ALA A 200 11.95 23.90 -16.98
N GLY A 201 12.51 23.90 -15.77
CA GLY A 201 12.28 24.98 -14.84
C GLY A 201 11.11 24.74 -13.92
N LYS A 202 10.82 23.47 -13.62
CA LYS A 202 9.74 23.11 -12.72
C LYS A 202 10.31 22.68 -11.37
N ARG A 203 9.54 22.89 -10.31
CA ARG A 203 9.84 22.40 -8.96
C ARG A 203 9.07 21.10 -8.70
N VAL A 204 9.81 20.02 -8.41
CA VAL A 204 9.27 18.67 -8.47
C VAL A 204 9.53 17.97 -7.15
N ILE A 205 8.51 17.30 -6.60
CA ILE A 205 8.64 16.44 -5.43
C ILE A 205 8.26 15.03 -5.83
N GLN A 206 9.10 14.05 -5.45
CA GLN A 206 8.94 12.67 -5.88
C GLN A 206 8.54 11.87 -4.66
N LEU A 207 7.46 11.11 -4.79
CA LEU A 207 6.96 10.28 -3.71
C LEU A 207 6.90 8.84 -4.16
N SER A 208 7.17 7.94 -3.22
CA SER A 208 6.94 6.51 -3.42
C SER A 208 6.40 5.98 -2.10
N ARG A 209 5.94 4.74 -2.11
CA ARG A 209 5.36 4.15 -0.89
C ARG A 209 6.32 4.20 0.27
N LYS A 210 7.59 3.92 0.05
CA LYS A 210 8.56 3.88 1.14
C LYS A 210 8.88 5.27 1.66
N THR A 211 8.89 6.28 0.79
CA THR A 211 9.19 7.64 1.22
C THR A 211 7.93 8.45 1.53
N PHE A 212 6.74 7.88 1.32
CA PHE A 212 5.52 8.66 1.42
C PHE A 212 5.35 9.22 2.82
N GLU A 213 5.50 8.35 3.82
CA GLU A 213 5.25 8.75 5.20
C GLU A 213 6.11 9.95 5.60
N THR A 214 7.40 9.92 5.26
CA THR A 214 8.30 10.96 5.70
C THR A 214 8.36 12.17 4.76
N GLU A 215 7.93 12.06 3.50
CA GLU A 215 8.13 13.15 2.54
C GLU A 215 6.84 13.75 1.99
N PHE A 216 5.69 13.13 2.22
CA PHE A 216 4.44 13.75 1.81
C PHE A 216 4.27 15.13 2.42
N GLN A 217 4.86 15.36 3.61
CA GLN A 217 4.68 16.62 4.33
C GLN A 217 5.25 17.80 3.56
N LYS A 218 6.26 17.57 2.73
CA LYS A 218 6.82 18.66 1.93
C LYS A 218 5.79 19.24 0.96
N THR A 219 4.82 18.43 0.51
CA THR A 219 3.80 18.99 -0.38
C THR A 219 2.93 20.03 0.32
N LYS A 220 3.05 20.21 1.65
CA LYS A 220 2.34 21.26 2.34
C LYS A 220 3.22 22.40 2.83
N HIS A 221 4.50 22.14 3.09
CA HIS A 221 5.42 23.15 3.58
C HIS A 221 6.49 23.49 2.56
N GLN A 222 6.09 23.59 1.29
CA GLN A 222 7.05 23.78 0.21
C GLN A 222 6.27 24.12 -1.05
N GLU A 223 6.88 24.93 -1.91
CA GLU A 223 6.28 25.29 -3.19
C GLU A 223 6.60 24.21 -4.22
N TRP A 224 5.58 23.74 -4.95
CA TRP A 224 5.84 22.75 -5.99
C TRP A 224 4.94 22.97 -7.19
N ASP A 225 5.43 22.52 -8.34
CA ASP A 225 4.68 22.48 -9.61
C ASP A 225 4.17 21.07 -9.92
N PHE A 226 4.97 20.04 -9.65
CA PHE A 226 4.60 18.67 -9.91
C PHE A 226 4.89 17.80 -8.70
N VAL A 227 3.95 16.91 -8.38
CA VAL A 227 4.21 15.75 -7.55
C VAL A 227 4.31 14.54 -8.49
N VAL A 228 5.49 13.94 -8.57
CA VAL A 228 5.74 12.78 -9.43
C VAL A 228 5.78 11.55 -8.54
N THR A 229 4.86 10.63 -8.74
CA THR A 229 4.64 9.63 -7.71
C THR A 229 4.13 8.31 -8.29
N THR A 230 4.38 7.25 -7.52
CA THR A 230 3.82 5.92 -7.77
C THR A 230 2.46 5.81 -7.07
N ASP A 231 1.83 4.66 -7.07
CA ASP A 231 0.39 4.53 -6.70
C ASP A 231 0.10 4.65 -5.19
N ILE A 232 1.03 4.99 -4.31
CA ILE A 232 0.69 5.21 -2.91
C ILE A 232 -0.40 6.26 -2.76
N SER A 233 -0.41 7.25 -3.64
CA SER A 233 -1.27 8.39 -3.39
C SER A 233 -2.72 8.14 -3.78
N GLU A 234 -3.06 6.96 -4.29
CA GLU A 234 -4.47 6.67 -4.52
C GLU A 234 -5.28 6.73 -3.22
N MET A 235 -4.78 6.11 -2.15
CA MET A 235 -5.54 5.96 -0.90
C MET A 235 -5.36 7.18 0.00
N GLY A 236 -6.23 8.18 -0.16
CA GLY A 236 -6.32 9.22 0.84
C GLY A 236 -5.26 10.29 0.79
N ALA A 237 -4.43 10.33 -0.24
CA ALA A 237 -3.52 11.47 -0.38
C ALA A 237 -4.31 12.69 -0.84
N ASN A 238 -4.04 13.83 -0.20
CA ASN A 238 -4.77 15.06 -0.48
C ASN A 238 -3.78 16.14 -0.91
N PHE A 239 -3.92 16.61 -2.13
CA PHE A 239 -3.12 17.67 -2.68
C PHE A 239 -4.08 18.78 -3.07
N LYS A 240 -3.56 19.98 -3.17
CA LYS A 240 -4.34 21.09 -3.71
C LYS A 240 -3.76 21.26 -5.11
N ALA A 241 -4.32 20.48 -6.03
CA ALA A 241 -3.87 20.36 -7.40
C ALA A 241 -5.06 20.63 -8.30
N ASP A 242 -4.81 21.12 -9.50
CA ASP A 242 -5.89 21.27 -10.47
C ASP A 242 -5.76 20.32 -11.64
N ARG A 243 -4.83 19.36 -11.61
CA ARG A 243 -4.63 18.49 -12.76
C ARG A 243 -3.98 17.19 -12.30
N VAL A 244 -4.43 16.07 -12.88
CA VAL A 244 -3.78 14.78 -12.65
C VAL A 244 -3.38 14.21 -14.00
N ILE A 245 -2.12 13.80 -14.11
CA ILE A 245 -1.59 13.08 -15.26
C ILE A 245 -1.39 11.63 -14.82
N ASP A 246 -2.01 10.70 -15.55
CA ASP A 246 -2.06 9.31 -15.13
C ASP A 246 -1.64 8.41 -16.30
N SER A 247 -0.46 7.80 -16.17
CA SER A 247 -0.01 6.82 -17.14
C SER A 247 -0.91 5.60 -17.17
N ARG A 248 -1.64 5.37 -16.06
CA ARG A 248 -2.53 4.24 -15.89
C ARG A 248 -1.82 2.90 -16.07
N ARG A 249 -0.53 2.83 -15.69
CA ARG A 249 0.28 1.63 -15.82
C ARG A 249 1.21 1.53 -14.61
N CYS A 250 1.59 0.31 -14.24
CA CYS A 250 2.48 0.08 -13.12
C CYS A 250 3.35 -1.13 -13.42
N LEU A 251 4.60 -1.10 -12.97
CA LEU A 251 5.34 -2.35 -12.88
C LEU A 251 4.62 -3.27 -11.90
N LYS A 252 4.63 -4.56 -12.18
CA LYS A 252 3.88 -5.48 -11.37
C LYS A 252 4.79 -6.62 -10.91
N PRO A 253 4.83 -6.91 -9.61
CA PRO A 253 5.67 -8.02 -9.16
C PRO A 253 4.95 -9.34 -9.41
N VAL A 254 5.60 -10.25 -10.12
CA VAL A 254 5.01 -11.50 -10.56
C VAL A 254 5.91 -12.65 -10.15
N ILE A 255 5.30 -13.69 -9.57
CA ILE A 255 6.05 -14.89 -9.26
C ILE A 255 6.18 -15.73 -10.53
N LEU A 256 7.41 -15.97 -10.97
CA LEU A 256 7.70 -16.68 -12.21
C LEU A 256 8.20 -18.07 -11.85
N ASP A 257 7.49 -19.11 -12.31
CA ASP A 257 7.92 -20.50 -12.09
C ASP A 257 8.08 -20.83 -10.61
N GLY A 258 7.28 -20.20 -9.76
CA GLY A 258 7.29 -20.45 -8.32
C GLY A 258 8.61 -20.21 -7.61
N GLU A 259 9.62 -19.70 -8.32
CA GLU A 259 10.98 -19.67 -7.82
C GLU A 259 11.53 -18.28 -7.56
N ARG A 260 10.89 -17.24 -8.08
CA ARG A 260 11.47 -15.90 -8.05
C ARG A 260 10.38 -14.89 -8.33
N VAL A 261 10.63 -13.64 -7.97
CA VAL A 261 9.71 -12.56 -8.31
C VAL A 261 10.42 -11.65 -9.29
N ILE A 262 9.73 -11.32 -10.38
CA ILE A 262 10.18 -10.36 -11.37
C ILE A 262 9.24 -9.18 -11.37
N LEU A 263 9.75 -8.05 -11.88
CA LEU A 263 8.95 -6.85 -12.06
C LEU A 263 8.56 -6.84 -13.54
N ALA A 264 7.30 -7.21 -13.82
CA ALA A 264 6.80 -7.36 -15.19
C ALA A 264 6.37 -6.02 -15.75
N GLY A 265 6.64 -5.84 -17.07
CA GLY A 265 6.82 -4.54 -17.71
C GLY A 265 5.49 -3.87 -17.64
N PRO A 266 5.44 -2.53 -17.52
CA PRO A 266 4.26 -1.92 -16.89
C PRO A 266 2.97 -2.39 -17.55
N MET A 267 1.95 -2.59 -16.71
CA MET A 267 0.73 -3.22 -17.13
C MET A 267 -0.40 -2.32 -16.67
N PRO A 268 -1.53 -2.31 -17.38
CA PRO A 268 -2.59 -1.34 -17.04
C PRO A 268 -3.10 -1.55 -15.63
N VAL A 269 -3.55 -0.46 -15.01
CA VAL A 269 -4.13 -0.54 -13.67
C VAL A 269 -5.60 -0.94 -13.77
N THR A 270 -6.17 -1.34 -12.62
CA THR A 270 -7.61 -1.62 -12.48
C THR A 270 -8.44 -0.34 -12.61
N HIS A 271 -9.75 -0.51 -12.92
CA HIS A 271 -10.62 0.66 -12.92
C HIS A 271 -10.60 1.36 -11.55
N ALA A 272 -10.48 0.57 -10.46
CA ALA A 272 -10.47 1.15 -9.10
C ALA A 272 -9.28 2.09 -8.92
N SER A 273 -8.08 1.62 -9.27
CA SER A 273 -6.89 2.48 -9.20
C SER A 273 -7.08 3.75 -10.02
N ALA A 274 -7.53 3.60 -11.27
CA ALA A 274 -7.75 4.75 -12.13
C ALA A 274 -8.72 5.73 -11.47
N ALA A 275 -9.80 5.21 -10.92
CA ALA A 275 -10.80 6.07 -10.29
C ALA A 275 -10.21 6.81 -9.11
N GLN A 276 -9.33 6.14 -8.36
CA GLN A 276 -8.75 6.74 -7.15
C GLN A 276 -7.75 7.83 -7.50
N ARG A 277 -6.94 7.58 -8.54
CA ARG A 277 -6.00 8.59 -9.04
C ARG A 277 -6.73 9.81 -9.57
N ARG A 278 -7.71 9.59 -10.44
CA ARG A 278 -8.53 10.71 -10.89
C ARG A 278 -9.18 11.40 -9.72
N GLY A 279 -9.52 10.63 -8.68
CA GLY A 279 -10.23 11.19 -7.55
C GLY A 279 -9.42 12.17 -6.71
N ARG A 280 -8.10 12.33 -6.97
CA ARG A 280 -7.34 13.38 -6.27
C ARG A 280 -7.76 14.79 -6.67
N ILE A 281 -8.44 14.98 -7.79
CA ILE A 281 -8.88 16.30 -8.19
C ILE A 281 -10.40 16.30 -8.36
N GLY A 282 -10.98 17.45 -8.70
CA GLY A 282 -12.43 17.51 -8.68
C GLY A 282 -13.03 17.52 -7.27
N ARG A 283 -12.22 17.73 -6.24
CA ARG A 283 -12.67 17.66 -4.85
C ARG A 283 -13.24 18.96 -4.29
N ASN A 284 -13.00 20.09 -4.94
CA ASN A 284 -13.37 21.39 -4.41
C ASN A 284 -14.56 21.94 -5.18
N PRO A 285 -15.75 22.02 -4.58
CA PRO A 285 -16.92 22.50 -5.33
C PRO A 285 -16.80 23.92 -5.88
N ASN A 286 -15.84 24.73 -5.42
CA ASN A 286 -15.62 26.08 -5.96
C ASN A 286 -14.66 26.12 -7.13
N LYS A 287 -14.22 24.97 -7.64
CA LYS A 287 -13.21 24.89 -8.70
C LYS A 287 -13.64 23.80 -9.67
N PRO A 288 -14.60 24.10 -10.56
CA PRO A 288 -14.91 23.18 -11.67
C PRO A 288 -13.77 23.16 -12.68
N GLY A 289 -13.64 22.04 -13.38
CA GLY A 289 -12.70 22.00 -14.48
C GLY A 289 -11.26 21.66 -14.14
N ASP A 290 -11.00 20.98 -13.00
CA ASP A 290 -9.74 20.25 -12.84
C ASP A 290 -9.61 19.25 -13.98
N GLU A 291 -8.39 18.93 -14.39
CA GLU A 291 -8.14 18.09 -15.55
C GLU A 291 -7.59 16.73 -15.14
N TYR A 292 -8.10 15.67 -15.76
CA TYR A 292 -7.61 14.29 -15.60
C TYR A 292 -7.13 13.86 -16.97
N LEU A 293 -5.82 13.76 -17.14
CA LEU A 293 -5.23 13.40 -18.43
C LEU A 293 -4.60 12.02 -18.29
N TYR A 294 -5.12 11.05 -19.06
CA TYR A 294 -4.78 9.66 -18.82
C TYR A 294 -4.24 9.00 -20.09
N GLY A 295 -3.33 8.04 -19.87
CA GLY A 295 -2.46 7.48 -20.89
C GLY A 295 -2.88 6.19 -21.53
N GLY A 296 -3.96 5.56 -21.09
CA GLY A 296 -4.32 4.29 -21.67
C GLY A 296 -5.52 3.74 -20.96
N GLY A 297 -5.78 2.47 -21.20
CA GLY A 297 -6.97 1.85 -20.67
C GLY A 297 -6.71 1.13 -19.36
N CYS A 298 -7.77 0.55 -18.82
CA CYS A 298 -7.78 -0.19 -17.56
C CYS A 298 -8.05 -1.66 -17.81
N ALA A 299 -7.67 -2.48 -16.84
CA ALA A 299 -7.83 -3.92 -16.98
C ALA A 299 -8.00 -4.52 -15.58
N GLU A 300 -8.87 -5.52 -15.48
CA GLU A 300 -9.10 -6.18 -14.21
C GLU A 300 -8.30 -7.47 -14.08
N THR A 301 -7.30 -7.67 -14.91
CA THR A 301 -6.51 -8.90 -14.90
C THR A 301 -5.29 -8.71 -14.00
N ASP A 302 -5.57 -8.63 -12.71
CA ASP A 302 -4.52 -8.36 -11.73
C ASP A 302 -4.19 -9.58 -10.87
N GLU A 303 -4.66 -10.77 -11.27
CA GLU A 303 -4.39 -11.96 -10.48
C GLU A 303 -2.92 -12.34 -10.49
N ASP A 304 -2.14 -11.82 -11.44
CA ASP A 304 -0.72 -12.15 -11.48
C ASP A 304 0.10 -11.31 -10.51
N HIS A 305 -0.51 -10.35 -9.81
CA HIS A 305 0.23 -9.56 -8.84
C HIS A 305 0.58 -10.44 -7.63
N ALA A 306 1.84 -10.40 -7.22
CA ALA A 306 2.31 -11.16 -6.07
C ALA A 306 1.49 -10.89 -4.79
N HIS A 307 0.80 -9.76 -4.68
CA HIS A 307 0.25 -9.43 -3.34
C HIS A 307 -0.95 -10.30 -2.94
N TRP A 308 -1.60 -10.97 -3.91
CA TRP A 308 -2.68 -11.90 -3.56
C TRP A 308 -2.12 -13.12 -2.80
N LEU A 309 -1.05 -13.74 -3.33
CA LEU A 309 -0.45 -14.87 -2.64
C LEU A 309 0.19 -14.45 -1.32
N GLU A 310 0.87 -13.32 -1.33
CA GLU A 310 1.45 -12.78 -0.10
C GLU A 310 0.38 -12.58 0.97
N ALA A 311 -0.81 -12.14 0.56
CA ALA A 311 -1.90 -12.02 1.55
C ALA A 311 -2.28 -13.37 2.14
N ARG A 312 -2.29 -14.45 1.31
CA ARG A 312 -2.54 -15.78 1.85
C ARG A 312 -1.43 -16.22 2.78
N MET A 313 -0.18 -15.83 2.49
CA MET A 313 0.94 -16.16 3.35
C MET A 313 0.77 -15.51 4.73
N LEU A 314 0.26 -14.28 4.76
CA LEU A 314 0.00 -13.63 6.06
C LEU A 314 -1.16 -14.29 6.77
N LEU A 315 -2.25 -14.54 6.03
CA LEU A 315 -3.47 -15.02 6.65
C LEU A 315 -3.33 -16.45 7.16
N ASP A 316 -2.50 -17.28 6.51
CA ASP A 316 -2.23 -18.60 7.02
C ASP A 316 -1.51 -18.57 8.35
N ASN A 317 -1.00 -17.41 8.73
CA ASN A 317 -0.20 -17.33 9.94
C ASN A 317 -0.91 -16.55 11.04
N ILE A 318 -2.20 -16.31 10.90
CA ILE A 318 -3.01 -15.63 11.91
C ILE A 318 -3.96 -16.66 12.51
N TYR A 319 -3.89 -16.83 13.83
CA TYR A 319 -4.78 -17.77 14.53
C TYR A 319 -6.18 -17.17 14.71
N LEU A 320 -7.21 -17.98 14.43
CA LEU A 320 -8.59 -17.61 14.77
C LEU A 320 -9.15 -18.58 15.78
N GLN A 321 -9.65 -19.73 15.36
CA GLN A 321 -9.86 -20.83 16.29
C GLN A 321 -9.28 -22.11 15.71
N ASP A 322 -9.30 -23.16 16.53
CA ASP A 322 -8.56 -24.37 16.22
C ASP A 322 -9.02 -24.94 14.90
N GLY A 323 -8.07 -25.10 13.99
CA GLY A 323 -8.37 -25.72 12.73
C GLY A 323 -9.04 -24.81 11.75
N LEU A 324 -9.17 -23.53 12.06
CA LEU A 324 -9.86 -22.61 11.18
C LEU A 324 -8.90 -21.55 10.65
N ILE A 325 -8.87 -21.43 9.33
CA ILE A 325 -8.06 -20.42 8.65
C ILE A 325 -9.01 -19.48 7.92
N ALA A 326 -8.82 -18.19 8.14
CA ALA A 326 -9.71 -17.20 7.54
C ALA A 326 -9.57 -17.23 6.02
N SER A 327 -10.68 -17.03 5.33
CA SER A 327 -10.61 -16.87 3.89
C SER A 327 -10.49 -15.39 3.49
N LEU A 328 -10.01 -15.15 2.26
CA LEU A 328 -9.97 -13.77 1.77
C LEU A 328 -11.36 -13.20 1.74
N TYR A 329 -11.47 -11.88 1.81
CA TYR A 329 -12.75 -11.23 1.57
C TYR A 329 -13.32 -11.72 0.23
N ARG A 330 -14.56 -12.22 0.26
CA ARG A 330 -15.16 -12.92 -0.91
C ARG A 330 -14.94 -12.27 -2.27
N PRO A 331 -15.09 -10.96 -2.47
CA PRO A 331 -14.80 -10.39 -3.80
C PRO A 331 -13.33 -10.51 -4.21
N GLU A 332 -12.43 -10.83 -3.29
CA GLU A 332 -11.01 -10.97 -3.60
C GLU A 332 -10.53 -12.40 -3.59
N ALA A 333 -11.44 -13.35 -3.33
CA ALA A 333 -11.05 -14.70 -2.95
C ALA A 333 -10.65 -15.54 -4.13
N ASP A 334 -11.17 -15.22 -5.33
CA ASP A 334 -10.74 -15.98 -6.49
C ASP A 334 -9.52 -15.39 -7.19
N LYS A 335 -8.85 -14.45 -6.58
CA LYS A 335 -7.67 -13.90 -7.22
C LYS A 335 -6.46 -14.78 -7.08
N VAL A 336 -6.51 -15.85 -6.30
CA VAL A 336 -5.29 -16.60 -6.04
C VAL A 336 -5.61 -18.08 -5.91
N ALA A 337 -4.75 -18.91 -6.51
CA ALA A 337 -4.80 -20.36 -6.36
C ALA A 337 -3.84 -20.78 -5.26
N ALA A 338 -4.38 -21.30 -4.17
CA ALA A 338 -3.51 -21.76 -3.10
C ALA A 338 -4.22 -22.85 -2.33
N ILE A 339 -3.47 -23.58 -1.51
CA ILE A 339 -4.02 -24.52 -0.55
C ILE A 339 -4.10 -23.82 0.80
N GLU A 340 -5.30 -23.75 1.37
CA GLU A 340 -5.46 -23.06 2.63
C GLU A 340 -4.61 -23.72 3.72
N GLY A 341 -3.87 -22.91 4.44
CA GLY A 341 -2.92 -23.40 5.41
C GLY A 341 -1.55 -23.74 4.88
N GLU A 342 -1.32 -23.75 3.56
CA GLU A 342 -0.03 -24.22 3.06
C GLU A 342 1.13 -23.31 3.45
N PHE A 343 0.88 -22.08 3.91
CA PHE A 343 1.95 -21.19 4.36
C PHE A 343 2.03 -21.08 5.89
N LYS A 344 1.29 -21.88 6.64
CA LYS A 344 1.34 -21.79 8.10
C LYS A 344 2.72 -22.22 8.58
N LEU A 345 3.41 -21.34 9.30
CA LEU A 345 4.72 -21.65 9.87
C LEU A 345 4.57 -22.04 11.33
N ARG A 346 5.55 -22.75 11.85
CA ARG A 346 5.52 -23.01 13.29
C ARG A 346 6.15 -21.83 14.03
N THR A 347 6.05 -21.85 15.37
CA THR A 347 6.12 -20.61 16.13
C THR A 347 7.42 -19.87 15.90
N GLU A 348 8.57 -20.58 15.89
CA GLU A 348 9.84 -19.89 15.75
C GLU A 348 10.05 -19.35 14.33
N GLN A 349 9.65 -20.11 13.30
CA GLN A 349 9.78 -19.58 11.94
C GLN A 349 8.83 -18.39 11.70
N ARG A 350 7.64 -18.42 12.26
CA ARG A 350 6.74 -17.27 12.14
C ARG A 350 7.36 -16.01 12.73
N LYS A 351 8.03 -16.15 13.87
CA LYS A 351 8.77 -15.03 14.46
C LYS A 351 9.76 -14.46 13.48
N THR A 352 10.57 -15.32 12.86
CA THR A 352 11.57 -14.87 11.88
C THR A 352 10.89 -14.17 10.70
N PHE A 353 9.83 -14.80 10.16
CA PHE A 353 9.00 -14.24 9.09
C PHE A 353 8.57 -12.81 9.44
N VAL A 354 7.99 -12.63 10.63
CA VAL A 354 7.54 -11.31 11.05
C VAL A 354 8.70 -10.33 11.09
N GLU A 355 9.84 -10.76 11.64
CA GLU A 355 10.96 -9.85 11.82
C GLU A 355 11.69 -9.56 10.50
N LEU A 356 11.76 -10.52 9.58
CA LEU A 356 12.27 -10.22 8.24
C LEU A 356 11.41 -9.19 7.53
N MET A 357 10.10 -9.19 7.80
CA MET A 357 9.22 -8.22 7.13
C MET A 357 9.27 -6.86 7.79
N LYS A 358 9.55 -6.81 9.09
CA LYS A 358 9.43 -5.53 9.77
C LYS A 358 10.80 -4.88 9.80
N ARG A 359 11.69 -5.32 10.68
CA ARG A 359 13.04 -4.74 10.71
C ARG A 359 13.80 -5.04 9.45
N GLY A 360 13.70 -6.26 8.92
CA GLY A 360 14.36 -6.58 7.68
C GLY A 360 13.89 -5.75 6.49
N ASP A 361 12.60 -5.35 6.50
CA ASP A 361 11.99 -4.58 5.42
C ASP A 361 12.04 -5.34 4.08
N LEU A 362 11.80 -6.66 4.12
CA LEU A 362 11.81 -7.45 2.92
C LEU A 362 10.38 -7.68 2.42
N PRO A 363 10.17 -7.87 1.11
CA PRO A 363 8.82 -8.22 0.63
C PRO A 363 8.33 -9.47 1.32
N VAL A 364 7.02 -9.60 1.45
CA VAL A 364 6.41 -10.77 2.10
C VAL A 364 6.90 -12.08 1.46
N TRP A 365 6.86 -12.16 0.11
CA TRP A 365 7.28 -13.39 -0.57
C TRP A 365 8.70 -13.77 -0.16
N LEU A 366 9.62 -12.80 -0.14
CA LEU A 366 11.01 -13.12 0.12
C LEU A 366 11.20 -13.51 1.58
N ALA A 367 10.65 -12.73 2.52
CA ALA A 367 10.69 -13.12 3.91
C ALA A 367 10.14 -14.54 4.11
N TYR A 368 9.10 -14.92 3.36
CA TYR A 368 8.54 -16.28 3.53
C TYR A 368 9.55 -17.36 3.13
N GLN A 369 10.27 -17.15 2.00
CA GLN A 369 11.23 -18.15 1.51
C GLN A 369 12.32 -18.38 2.55
N VAL A 370 12.82 -17.29 3.14
CA VAL A 370 13.88 -17.34 4.14
C VAL A 370 13.39 -18.00 5.41
N ALA A 371 12.29 -17.47 6.00
CA ALA A 371 11.75 -18.03 7.24
C ALA A 371 11.47 -19.53 7.14
N SER A 372 10.81 -19.97 6.07
CA SER A 372 10.35 -21.35 5.96
C SER A 372 11.51 -22.31 5.64
N ALA A 373 12.67 -21.77 5.26
CA ALA A 373 13.88 -22.55 5.14
C ALA A 373 14.57 -22.79 6.48
N GLY A 374 14.08 -22.20 7.57
CA GLY A 374 14.70 -22.38 8.86
C GLY A 374 15.93 -21.54 9.10
N ILE A 375 16.10 -20.46 8.35
CA ILE A 375 17.17 -19.50 8.55
C ILE A 375 16.71 -18.52 9.61
N THR A 376 17.60 -18.24 10.55
CA THR A 376 17.35 -17.21 11.57
C THR A 376 17.64 -15.81 11.04
N TYR A 377 17.01 -14.81 11.70
CA TYR A 377 16.92 -13.46 11.14
C TYR A 377 18.30 -12.88 10.78
N THR A 378 19.33 -13.06 11.63
CA THR A 378 20.61 -12.36 11.46
C THR A 378 21.62 -13.11 10.59
N ASP A 379 21.29 -14.33 10.17
CA ASP A 379 22.12 -15.21 9.33
C ASP A 379 21.93 -14.81 7.88
N ARG A 380 22.92 -14.11 7.32
CA ARG A 380 22.82 -13.51 5.99
C ARG A 380 23.53 -14.32 4.91
N ARG A 381 24.04 -15.50 5.25
CA ARG A 381 24.75 -16.31 4.27
C ARG A 381 23.93 -16.57 3.01
N TRP A 382 22.60 -16.60 3.10
CA TRP A 382 21.77 -16.78 1.90
C TRP A 382 21.85 -15.61 0.92
N CYS A 383 22.21 -14.40 1.35
CA CYS A 383 22.31 -13.33 0.37
C CYS A 383 23.46 -13.53 -0.61
N PHE A 384 24.29 -14.53 -0.43
CA PHE A 384 25.45 -14.66 -1.30
C PHE A 384 25.56 -16.03 -1.97
N ASP A 385 24.67 -16.98 -1.70
CA ASP A 385 24.94 -18.36 -2.12
C ASP A 385 23.95 -18.89 -3.16
N GLY A 386 23.36 -18.01 -3.95
CA GLY A 386 22.40 -18.43 -4.95
C GLY A 386 23.09 -18.67 -6.28
N THR A 387 22.30 -19.03 -7.26
CA THR A 387 22.78 -19.34 -8.59
C THR A 387 23.12 -18.06 -9.34
N THR A 388 24.04 -18.17 -10.30
CA THR A 388 24.57 -16.95 -10.93
C THR A 388 23.51 -16.16 -11.66
N ASN A 389 22.40 -16.79 -12.07
CA ASN A 389 21.36 -15.92 -12.60
C ASN A 389 20.69 -15.06 -11.52
N ASN A 390 21.05 -15.21 -10.23
CA ASN A 390 20.51 -14.36 -9.16
C ASN A 390 21.45 -13.22 -8.80
N THR A 391 22.45 -12.96 -9.64
CA THR A 391 23.42 -11.90 -9.40
C THR A 391 22.73 -10.55 -9.54
N ILE A 392 22.93 -9.69 -8.54
CA ILE A 392 22.34 -8.35 -8.54
C ILE A 392 23.34 -7.38 -9.13
N MET A 393 22.89 -6.60 -10.11
CA MET A 393 23.69 -5.62 -10.82
C MET A 393 23.42 -4.23 -10.26
N GLU A 394 24.45 -3.39 -10.28
CA GLU A 394 24.37 -1.97 -9.96
C GLU A 394 25.33 -1.24 -10.90
N ASP A 395 24.83 -0.27 -11.67
CA ASP A 395 25.64 0.45 -12.65
C ASP A 395 26.33 -0.52 -13.63
N SER A 396 25.59 -1.53 -14.07
CA SER A 396 26.04 -2.48 -15.09
C SER A 396 27.21 -3.36 -14.64
N VAL A 397 27.45 -3.46 -13.34
CA VAL A 397 28.45 -4.40 -12.83
C VAL A 397 27.89 -5.09 -11.60
N PRO A 398 28.32 -6.32 -11.35
CA PRO A 398 27.83 -7.07 -10.16
C PRO A 398 28.00 -6.26 -8.89
N ALA A 399 26.90 -6.08 -8.16
CA ALA A 399 26.98 -5.39 -6.87
C ALA A 399 27.78 -6.23 -5.88
N GLU A 400 28.52 -5.55 -5.01
CA GLU A 400 29.33 -6.20 -3.97
C GLU A 400 29.14 -5.50 -2.64
N VAL A 401 29.25 -6.28 -1.55
CA VAL A 401 29.21 -5.74 -0.19
C VAL A 401 30.31 -6.40 0.64
N TRP A 402 30.73 -5.68 1.68
CA TRP A 402 31.63 -6.21 2.70
C TRP A 402 30.77 -6.97 3.70
N THR A 403 31.01 -8.26 3.82
CA THR A 403 30.13 -9.07 4.64
C THR A 403 30.53 -8.96 6.11
N ARG A 404 29.60 -9.37 6.98
CA ARG A 404 29.87 -9.40 8.41
C ARG A 404 31.03 -10.34 8.78
N HIS A 405 31.39 -11.27 7.89
CA HIS A 405 32.57 -12.09 8.08
C HIS A 405 33.84 -11.50 7.45
N GLY A 406 33.90 -10.18 7.23
CA GLY A 406 35.09 -9.56 6.65
C GLY A 406 35.54 -10.02 5.27
N GLU A 407 34.63 -10.16 4.30
CA GLU A 407 34.98 -10.48 2.93
C GLU A 407 34.13 -9.64 1.97
N LYS A 408 34.69 -9.33 0.81
CA LYS A 408 33.93 -8.68 -0.25
C LYS A 408 33.28 -9.76 -1.11
N ARG A 409 31.95 -9.74 -1.16
CA ARG A 409 31.20 -10.76 -1.87
C ARG A 409 30.19 -10.11 -2.81
N VAL A 410 30.03 -10.77 -3.95
CA VAL A 410 29.02 -10.40 -4.94
C VAL A 410 27.65 -10.75 -4.37
N LEU A 411 26.75 -9.76 -4.40
CA LEU A 411 25.36 -9.95 -4.02
C LEU A 411 24.68 -10.96 -4.92
N LYS A 412 24.31 -12.11 -4.37
CA LYS A 412 23.74 -13.20 -5.15
C LYS A 412 22.81 -14.00 -4.27
N PRO A 413 21.57 -13.53 -4.04
CA PRO A 413 20.69 -14.17 -3.07
C PRO A 413 20.16 -15.51 -3.54
N ARG A 414 19.96 -16.41 -2.57
CA ARG A 414 19.42 -17.73 -2.89
C ARG A 414 18.01 -17.63 -3.44
N TRP A 415 17.21 -16.66 -2.98
CA TRP A 415 15.92 -16.36 -3.61
C TRP A 415 15.96 -14.96 -4.20
N MET A 416 15.48 -14.81 -5.44
CA MET A 416 15.59 -13.55 -6.17
C MET A 416 14.22 -12.87 -6.17
N ASP A 417 14.17 -11.67 -5.62
CA ASP A 417 12.95 -10.86 -5.67
C ASP A 417 13.38 -9.47 -6.15
N ALA A 418 13.00 -9.16 -7.40
CA ALA A 418 13.44 -7.92 -8.04
C ALA A 418 13.03 -6.70 -7.26
N ARG A 419 12.10 -6.82 -6.33
CA ARG A 419 11.69 -5.63 -5.61
C ARG A 419 12.78 -5.12 -4.68
N VAL A 420 13.80 -5.93 -4.37
CA VAL A 420 14.85 -5.45 -3.48
C VAL A 420 15.97 -4.73 -4.22
N CYS A 421 15.97 -4.73 -5.56
CA CYS A 421 17.00 -4.06 -6.36
C CYS A 421 16.43 -3.33 -7.57
N SER A 422 15.15 -2.94 -7.54
CA SER A 422 14.49 -2.25 -8.66
C SER A 422 14.85 -0.76 -8.81
N ASP A 423 15.26 -0.08 -7.75
CA ASP A 423 15.64 1.33 -7.80
C ASP A 423 16.81 1.54 -6.84
N HIS A 424 17.39 2.76 -6.85
CA HIS A 424 18.60 2.97 -6.04
C HIS A 424 18.35 2.81 -4.55
N ALA A 425 17.22 3.34 -4.05
CA ALA A 425 16.91 3.27 -2.63
C ALA A 425 16.63 1.83 -2.19
N ALA A 426 15.88 1.09 -3.00
CA ALA A 426 15.64 -0.34 -2.71
C ALA A 426 16.96 -1.09 -2.59
N LEU A 427 17.87 -0.89 -3.57
CA LEU A 427 19.12 -1.65 -3.59
C LEU A 427 20.04 -1.25 -2.44
N LYS A 428 20.20 0.04 -2.20
CA LYS A 428 20.97 0.47 -1.03
C LYS A 428 20.48 -0.23 0.23
N SER A 429 19.16 -0.33 0.38
CA SER A 429 18.60 -0.95 1.57
C SER A 429 18.95 -2.43 1.65
N PHE A 430 18.88 -3.15 0.51
CA PHE A 430 19.17 -4.56 0.51
C PHE A 430 20.66 -4.80 0.73
N LYS A 431 21.50 -3.93 0.17
CA LYS A 431 22.94 -4.01 0.39
C LYS A 431 23.28 -3.94 1.87
N GLU A 432 22.61 -3.04 2.61
CA GLU A 432 22.81 -2.95 4.07
C GLU A 432 22.26 -4.16 4.82
N PHE A 433 21.09 -4.68 4.42
CA PHE A 433 20.64 -5.97 4.94
C PHE A 433 21.69 -7.07 4.69
N ALA A 434 22.18 -7.21 3.46
CA ALA A 434 23.15 -8.27 3.16
C ALA A 434 24.43 -8.15 3.99
N ALA A 435 24.88 -6.93 4.31
CA ALA A 435 26.07 -6.68 5.11
C ALA A 435 25.86 -6.85 6.61
N GLY A 436 24.64 -7.16 7.05
CA GLY A 436 24.39 -7.35 8.47
C GLY A 436 24.16 -6.07 9.25
N LYS A 437 23.89 -4.93 8.59
CA LYS A 437 23.73 -3.65 9.27
C LYS A 437 22.34 -3.42 9.84
N ARG A 438 21.39 -4.33 9.67
CA ARG A 438 20.12 -4.29 10.40
C ARG A 438 19.47 -5.68 10.50
MN MN B . -11.35 8.88 2.54
PB ADP C . -13.62 10.95 1.20
O1B ADP C . -15.10 10.67 0.96
O2B ADP C . -12.74 10.78 -0.01
O3B ADP C . -13.06 10.21 2.39
PA ADP C . -12.93 13.29 2.80
O1A ADP C . -13.76 13.09 4.04
O2A ADP C . -11.48 12.93 2.87
O3A ADP C . -13.60 12.54 1.53
O5' ADP C . -13.12 14.82 2.26
C5' ADP C . -14.42 15.38 2.10
C4' ADP C . -14.36 16.79 1.53
O4' ADP C . -13.67 17.59 2.49
C3' ADP C . -13.56 16.97 0.25
O3' ADP C . -14.19 18.02 -0.46
C2' ADP C . -12.25 17.53 0.74
O2' ADP C . -11.75 18.42 -0.24
C1' ADP C . -12.56 18.35 1.95
N9 ADP C . -11.33 18.53 2.84
C8 ADP C . -10.28 17.69 2.94
N7 ADP C . -9.34 18.17 3.80
C5 ADP C . -9.77 19.34 4.26
C6 ADP C . -9.26 20.38 5.19
N6 ADP C . -8.06 20.23 5.83
N1 ADP C . -10.03 21.48 5.38
C2 ADP C . -11.22 21.65 4.76
N3 ADP C . -11.73 20.74 3.90
C4 ADP C . -11.06 19.60 3.61
AL AF3 D . -11.93 8.92 -1.23
F1 AF3 D . -12.96 7.56 -1.55
F2 AF3 D . -11.03 9.01 0.20
F3 AF3 D . -11.20 9.74 -2.57
#